data_7V5E
#
_entry.id   7V5E
#
_entity_poly.entity_id   1
_entity_poly.type   'polypeptide(L)'
_entity_poly.pdbx_seq_one_letter_code
;IQCCRCQSWPYMCSVFCC
;
_entity_poly.pdbx_strand_id   A
#
# COMPACT_ATOMS: atom_id res chain seq x y z
N ILE A 1 -13.06 3.56 5.62
CA ILE A 1 -12.19 3.01 4.54
C ILE A 1 -10.75 2.95 5.04
N GLN A 2 -10.07 1.85 4.74
CA GLN A 2 -8.68 1.67 5.16
C GLN A 2 -7.80 1.33 3.97
N CYS A 3 -6.54 1.76 4.04
CA CYS A 3 -5.60 1.50 2.95
C CYS A 3 -5.17 0.04 2.96
N CYS A 4 -4.29 -0.30 2.03
CA CYS A 4 -3.78 -1.65 1.92
C CYS A 4 -2.26 -1.59 1.86
N ARG A 5 -1.60 -2.70 2.10
CA ARG A 5 -0.15 -2.69 2.05
C ARG A 5 0.36 -3.12 0.69
N CYS A 6 0.98 -2.18 -0.01
CA CYS A 6 1.52 -2.45 -1.33
C CYS A 6 2.73 -3.37 -1.24
N GLN A 7 2.82 -4.30 -2.19
CA GLN A 7 3.95 -5.23 -2.21
C GLN A 7 5.17 -4.60 -2.87
N SER A 8 5.11 -3.30 -3.10
CA SER A 8 6.20 -2.57 -3.73
C SER A 8 7.39 -2.45 -2.79
N TRP A 9 8.54 -2.08 -3.35
CA TRP A 9 9.78 -1.94 -2.58
C TRP A 9 9.57 -1.21 -1.24
N PRO A 10 9.09 0.01 -1.24
CA PRO A 10 8.87 0.74 0.04
C PRO A 10 7.90 -0.01 0.94
N TYR A 11 7.13 -0.91 0.34
CA TYR A 11 6.16 -1.72 1.09
C TYR A 11 5.36 -0.85 2.06
N MET A 12 4.98 0.35 1.63
CA MET A 12 4.23 1.25 2.49
C MET A 12 2.73 1.18 2.17
N CYS A 13 1.91 1.41 3.20
CA CYS A 13 0.46 1.39 3.04
C CYS A 13 0.01 2.46 2.06
N SER A 14 -0.83 2.07 1.10
CA SER A 14 -1.32 3.00 0.10
C SER A 14 -2.78 2.72 -0.24
N VAL A 15 -3.53 3.78 -0.50
CA VAL A 15 -4.94 3.63 -0.86
C VAL A 15 -5.09 3.12 -2.29
N PHE A 16 -4.14 3.48 -3.14
CA PHE A 16 -4.17 3.06 -4.54
C PHE A 16 -4.06 1.55 -4.66
N CYS A 17 -3.22 0.96 -3.82
CA CYS A 17 -3.02 -0.49 -3.85
C CYS A 17 -2.34 -0.91 -5.14
N CYS A 18 -1.13 -1.46 -5.02
CA CYS A 18 -0.37 -1.90 -6.18
C CYS A 18 0.01 -3.37 -6.04
N ILE A 1 -8.19 5.88 8.91
CA ILE A 1 -7.94 5.65 7.46
C ILE A 1 -7.70 4.17 7.20
N GLN A 2 -7.65 3.80 5.93
CA GLN A 2 -7.43 2.39 5.57
C GLN A 2 -6.73 2.30 4.23
N CYS A 3 -6.09 1.16 3.98
CA CYS A 3 -5.38 0.94 2.73
C CYS A 3 -5.24 -0.55 2.42
N CYS A 4 -4.59 -0.84 1.31
CA CYS A 4 -4.41 -2.23 0.89
C CYS A 4 -3.03 -2.77 1.25
N ARG A 5 -2.20 -1.88 1.76
CA ARG A 5 -0.85 -2.26 2.14
C ARG A 5 -0.03 -2.65 0.92
N CYS A 6 0.66 -1.68 0.34
CA CYS A 6 1.47 -1.91 -0.84
C CYS A 6 2.54 -2.96 -0.53
N GLN A 7 2.76 -3.88 -1.47
CA GLN A 7 3.74 -4.93 -1.29
C GLN A 7 4.90 -4.77 -2.27
N SER A 8 5.19 -3.53 -2.64
CA SER A 8 6.27 -3.26 -3.58
C SER A 8 7.46 -2.60 -2.89
N TRP A 9 8.30 -1.90 -3.68
CA TRP A 9 9.48 -1.25 -3.12
C TRP A 9 9.14 -0.44 -1.86
N PRO A 10 8.28 0.53 -1.93
CA PRO A 10 7.89 1.32 -0.72
C PRO A 10 7.17 0.44 0.30
N TYR A 11 6.74 -0.75 -0.17
CA TYR A 11 5.99 -1.74 0.64
C TYR A 11 5.42 -1.14 1.91
N MET A 12 4.44 -0.25 1.74
CA MET A 12 3.80 0.40 2.89
C MET A 12 2.32 0.66 2.62
N CYS A 13 1.62 1.09 3.66
CA CYS A 13 0.19 1.38 3.56
C CYS A 13 -0.10 2.37 2.43
N SER A 14 -0.99 1.98 1.53
CA SER A 14 -1.34 2.86 0.40
C SER A 14 -2.63 2.38 -0.27
N VAL A 15 -3.60 3.27 -0.38
CA VAL A 15 -4.87 2.93 -1.01
C VAL A 15 -4.68 2.67 -2.50
N PHE A 16 -3.66 3.30 -3.08
CA PHE A 16 -3.38 3.14 -4.50
C PHE A 16 -2.89 1.72 -4.81
N CYS A 17 -2.23 1.11 -3.83
CA CYS A 17 -1.70 -0.25 -4.00
C CYS A 17 -0.58 -0.26 -5.03
N CYS A 18 0.13 0.86 -5.14
CA CYS A 18 1.24 0.97 -6.07
C CYS A 18 0.85 0.46 -7.45
N ILE A 1 -10.05 5.94 4.26
CA ILE A 1 -9.57 5.18 5.45
C ILE A 1 -9.24 3.75 5.03
N GLN A 2 -8.65 3.00 5.95
CA GLN A 2 -8.28 1.61 5.67
C GLN A 2 -7.52 1.51 4.36
N CYS A 3 -6.22 1.80 4.42
CA CYS A 3 -5.38 1.74 3.23
C CYS A 3 -5.11 0.30 2.81
N CYS A 4 -4.57 0.14 1.60
CA CYS A 4 -4.26 -1.18 1.06
C CYS A 4 -2.77 -1.46 1.17
N ARG A 5 -2.41 -2.70 1.49
CA ARG A 5 -1.00 -3.04 1.65
C ARG A 5 -0.45 -3.86 0.47
N CYS A 6 0.70 -3.42 -0.02
CA CYS A 6 1.38 -4.12 -1.12
C CYS A 6 2.83 -4.40 -0.75
N GLN A 7 3.43 -5.35 -1.47
CA GLN A 7 4.82 -5.73 -1.21
C GLN A 7 5.76 -4.94 -2.14
N SER A 8 5.30 -3.77 -2.56
CA SER A 8 6.06 -2.93 -3.46
C SER A 8 7.31 -2.39 -2.75
N TRP A 9 8.24 -1.85 -3.54
CA TRP A 9 9.50 -1.33 -2.99
C TRP A 9 9.25 -0.45 -1.77
N PRO A 10 8.39 0.54 -1.87
CA PRO A 10 8.11 1.43 -0.71
C PRO A 10 7.69 0.60 0.50
N TYR A 11 7.10 -0.56 0.21
CA TYR A 11 6.65 -1.47 1.25
C TYR A 11 5.77 -0.76 2.28
N MET A 12 4.96 0.18 1.82
CA MET A 12 4.05 0.91 2.70
C MET A 12 2.64 0.85 2.13
N CYS A 13 1.64 0.87 3.00
CA CYS A 13 0.26 0.79 2.53
C CYS A 13 -0.16 2.10 1.87
N SER A 14 -1.05 1.99 0.90
CA SER A 14 -1.53 3.17 0.18
C SER A 14 -2.97 2.97 -0.27
N VAL A 15 -3.68 4.08 -0.46
CA VAL A 15 -5.07 4.02 -0.92
C VAL A 15 -5.12 3.37 -2.31
N PHE A 16 -4.20 3.78 -3.17
CA PHE A 16 -4.11 3.22 -4.52
C PHE A 16 -2.92 2.30 -4.58
N CYS A 17 -2.89 1.35 -3.65
CA CYS A 17 -1.80 0.39 -3.56
C CYS A 17 -1.68 -0.43 -4.83
N CYS A 18 -0.52 -1.05 -5.03
CA CYS A 18 -0.29 -1.89 -6.19
C CYS A 18 -0.74 -1.18 -7.47
N ILE A 1 -7.23 -0.65 9.32
CA ILE A 1 -7.97 -0.73 8.03
C ILE A 1 -7.53 0.40 7.09
N GLN A 2 -6.54 1.17 7.52
CA GLN A 2 -6.04 2.27 6.71
C GLN A 2 -5.29 1.74 5.49
N CYS A 3 -5.62 2.31 4.32
CA CYS A 3 -5.00 1.92 3.04
C CYS A 3 -4.80 0.41 2.95
N CYS A 4 -3.94 -0.03 2.02
CA CYS A 4 -3.67 -1.45 1.85
C CYS A 4 -2.19 -1.66 1.55
N ARG A 5 -1.65 -2.80 1.98
CA ARG A 5 -0.25 -3.08 1.74
C ARG A 5 -0.03 -3.77 0.41
N CYS A 6 0.82 -3.15 -0.42
CA CYS A 6 1.12 -3.71 -1.73
C CYS A 6 2.46 -4.43 -1.69
N GLN A 7 2.96 -4.83 -2.85
CA GLN A 7 4.24 -5.52 -2.94
C GLN A 7 5.37 -4.53 -3.14
N SER A 8 5.07 -3.24 -3.03
CA SER A 8 6.06 -2.20 -3.21
C SER A 8 7.21 -2.34 -2.21
N TRP A 9 8.42 -2.11 -2.67
CA TRP A 9 9.60 -2.24 -1.80
C TRP A 9 9.48 -1.37 -0.56
N PRO A 10 9.31 -0.08 -0.68
CA PRO A 10 9.14 0.80 0.50
C PRO A 10 8.07 0.23 1.43
N TYR A 11 7.15 -0.55 0.86
CA TYR A 11 6.07 -1.16 1.64
C TYR A 11 5.44 -0.14 2.59
N MET A 12 5.17 1.06 2.08
CA MET A 12 4.58 2.12 2.89
C MET A 12 3.07 2.17 2.73
N CYS A 13 2.49 1.08 2.26
CA CYS A 13 1.04 1.01 2.07
C CYS A 13 0.59 1.97 0.98
N SER A 14 -0.61 1.73 0.45
CA SER A 14 -1.15 2.60 -0.60
C SER A 14 -2.67 2.64 -0.53
N VAL A 15 -3.23 3.83 -0.72
CA VAL A 15 -4.68 4.02 -0.66
C VAL A 15 -5.38 3.22 -1.76
N PHE A 16 -4.85 3.27 -2.97
CA PHE A 16 -5.46 2.55 -4.09
C PHE A 16 -4.68 1.28 -4.41
N CYS A 17 -3.85 0.83 -3.48
CA CYS A 17 -3.07 -0.39 -3.69
C CYS A 17 -2.24 -0.26 -4.97
N CYS A 18 -1.61 -1.35 -5.38
CA CYS A 18 -0.79 -1.34 -6.58
C CYS A 18 -0.67 -2.74 -7.17
N ILE A 1 -9.97 5.75 6.31
CA ILE A 1 -9.25 5.11 7.46
C ILE A 1 -8.77 3.72 7.06
N GLN A 2 -8.95 3.36 5.81
CA GLN A 2 -8.53 2.05 5.32
C GLN A 2 -7.62 2.20 4.10
N CYS A 3 -6.67 1.28 3.95
CA CYS A 3 -5.75 1.33 2.82
C CYS A 3 -5.20 -0.05 2.53
N CYS A 4 -4.50 -0.17 1.40
CA CYS A 4 -3.91 -1.44 1.00
C CYS A 4 -2.46 -1.49 1.46
N ARG A 5 -1.82 -2.64 1.29
CA ARG A 5 -0.43 -2.77 1.68
C ARG A 5 0.40 -3.25 0.49
N CYS A 6 1.37 -2.44 0.09
CA CYS A 6 2.23 -2.79 -1.04
C CYS A 6 3.68 -2.87 -0.59
N GLN A 7 4.33 -3.97 -0.94
CA GLN A 7 5.73 -4.17 -0.58
C GLN A 7 6.57 -4.31 -1.84
N SER A 8 6.08 -3.73 -2.93
CA SER A 8 6.79 -3.84 -4.20
C SER A 8 7.50 -2.54 -4.58
N TRP A 9 7.46 -1.55 -3.70
CA TRP A 9 8.13 -0.28 -3.97
C TRP A 9 7.91 0.74 -2.85
N PRO A 10 6.70 1.16 -2.59
CA PRO A 10 6.44 2.14 -1.50
C PRO A 10 6.71 1.50 -0.14
N TYR A 11 6.64 0.17 -0.12
CA TYR A 11 6.86 -0.59 1.13
C TYR A 11 6.06 0.00 2.27
N MET A 12 4.95 0.67 1.93
CA MET A 12 4.07 1.26 2.93
C MET A 12 2.63 1.15 2.49
N CYS A 13 1.70 1.28 3.42
CA CYS A 13 0.28 1.19 3.10
C CYS A 13 -0.15 2.33 2.18
N SER A 14 -1.03 2.01 1.25
CA SER A 14 -1.52 3.01 0.31
C SER A 14 -2.95 2.68 -0.15
N VAL A 15 -3.77 3.71 -0.24
CA VAL A 15 -5.17 3.53 -0.66
C VAL A 15 -5.24 3.17 -2.14
N PHE A 16 -4.19 3.48 -2.88
CA PHE A 16 -4.15 3.19 -4.31
C PHE A 16 -4.26 1.70 -4.58
N CYS A 17 -3.63 0.90 -3.72
CA CYS A 17 -3.67 -0.56 -3.87
C CYS A 17 -2.84 -1.00 -5.06
N CYS A 18 -1.53 -1.14 -4.83
CA CYS A 18 -0.60 -1.55 -5.89
C CYS A 18 -0.78 -3.03 -6.20
N ILE A 1 -13.03 3.33 5.53
CA ILE A 1 -12.14 2.49 4.67
C ILE A 1 -10.71 2.59 5.19
N GLN A 2 -9.81 1.83 4.56
CA GLN A 2 -8.41 1.83 4.96
C GLN A 2 -7.52 1.52 3.76
N CYS A 3 -6.24 1.90 3.87
CA CYS A 3 -5.29 1.66 2.79
C CYS A 3 -4.95 0.17 2.70
N CYS A 4 -4.21 -0.19 1.66
CA CYS A 4 -3.82 -1.58 1.47
C CYS A 4 -2.30 -1.66 1.36
N ARG A 5 -1.73 -2.78 1.80
CA ARG A 5 -0.28 -2.93 1.78
C ARG A 5 0.18 -3.70 0.55
N CYS A 6 0.99 -3.04 -0.27
CA CYS A 6 1.52 -3.69 -1.47
C CYS A 6 2.94 -3.20 -1.79
N GLN A 7 3.61 -2.64 -0.79
CA GLN A 7 4.96 -2.14 -0.99
C GLN A 7 4.94 -1.17 -2.17
N SER A 8 3.91 -0.35 -2.18
CA SER A 8 3.72 0.64 -3.23
C SER A 8 4.80 1.71 -3.18
N TRP A 9 4.56 2.82 -3.88
CA TRP A 9 5.53 3.91 -3.92
C TRP A 9 6.06 4.26 -2.53
N PRO A 10 5.24 4.62 -1.59
CA PRO A 10 5.71 4.93 -0.21
C PRO A 10 6.18 3.65 0.47
N TYR A 11 5.74 2.51 -0.07
CA TYR A 11 6.09 1.21 0.48
C TYR A 11 5.51 0.99 1.88
N MET A 12 4.65 1.91 2.32
CA MET A 12 4.03 1.78 3.63
C MET A 12 2.52 1.90 3.50
N CYS A 13 1.94 0.99 2.76
CA CYS A 13 0.49 0.99 2.55
C CYS A 13 0.06 2.21 1.75
N SER A 14 -0.76 1.98 0.74
CA SER A 14 -1.26 3.08 -0.09
C SER A 14 -2.75 2.92 -0.37
N VAL A 15 -3.43 4.04 -0.55
CA VAL A 15 -4.87 4.02 -0.82
C VAL A 15 -5.15 3.29 -2.13
N PHE A 16 -4.35 3.56 -3.15
CA PHE A 16 -4.53 2.92 -4.46
C PHE A 16 -3.43 1.90 -4.70
N CYS A 17 -2.92 1.32 -3.62
CA CYS A 17 -1.86 0.33 -3.73
C CYS A 17 -2.28 -0.83 -4.63
N CYS A 18 -1.33 -1.65 -5.04
CA CYS A 18 -1.62 -2.79 -5.89
C CYS A 18 -2.48 -2.36 -7.08
N ILE A 1 -11.73 1.16 5.98
CA ILE A 1 -11.23 2.54 5.75
C ILE A 1 -9.70 2.57 5.76
N GLN A 2 -9.09 1.40 5.87
CA GLN A 2 -7.63 1.31 5.89
C GLN A 2 -7.09 1.21 4.46
N CYS A 3 -5.91 1.79 4.24
CA CYS A 3 -5.30 1.77 2.93
C CYS A 3 -4.89 0.34 2.53
N CYS A 4 -4.58 0.16 1.25
CA CYS A 4 -4.19 -1.14 0.72
C CYS A 4 -2.82 -1.52 1.29
N ARG A 5 -1.96 -2.12 0.48
CA ARG A 5 -0.63 -2.48 0.95
C ARG A 5 0.21 -3.05 -0.17
N CYS A 6 1.15 -2.24 -0.64
CA CYS A 6 2.03 -2.67 -1.73
C CYS A 6 3.02 -3.72 -1.25
N GLN A 7 3.51 -4.54 -2.17
CA GLN A 7 4.47 -5.58 -1.82
C GLN A 7 5.88 -5.12 -2.19
N SER A 8 6.00 -3.88 -2.61
CA SER A 8 7.29 -3.32 -3.00
C SER A 8 8.17 -3.09 -1.77
N TRP A 9 9.46 -2.89 -2.00
CA TRP A 9 10.38 -2.68 -0.88
C TRP A 9 9.85 -1.60 0.06
N PRO A 10 9.49 -0.44 -0.46
CA PRO A 10 8.94 0.65 0.40
C PRO A 10 7.77 0.13 1.23
N TYR A 11 7.11 -0.90 0.71
CA TYR A 11 5.95 -1.50 1.39
C TYR A 11 5.02 -0.42 1.93
N MET A 12 4.82 0.62 1.13
CA MET A 12 3.95 1.73 1.53
C MET A 12 2.47 1.33 1.47
N CYS A 13 1.69 1.87 2.39
CA CYS A 13 0.26 1.60 2.44
C CYS A 13 -0.49 2.72 1.71
N SER A 14 -1.38 2.37 0.78
CA SER A 14 -2.12 3.40 0.06
C SER A 14 -3.45 2.87 -0.46
N VAL A 15 -4.40 3.78 -0.63
CA VAL A 15 -5.72 3.42 -1.14
C VAL A 15 -5.66 3.06 -2.63
N PHE A 16 -4.54 3.42 -3.27
CA PHE A 16 -4.37 3.15 -4.69
C PHE A 16 -4.50 1.65 -4.98
N CYS A 17 -4.05 0.82 -4.06
CA CYS A 17 -4.12 -0.63 -4.23
C CYS A 17 -3.25 -1.05 -5.41
N CYS A 18 -1.99 -0.61 -5.39
CA CYS A 18 -1.05 -0.93 -6.45
C CYS A 18 -1.09 -2.43 -6.79
N ILE A 1 -8.67 8.24 4.98
CA ILE A 1 -7.41 7.66 4.45
C ILE A 1 -7.44 6.14 4.60
N GLN A 2 -6.96 5.44 3.58
CA GLN A 2 -6.95 3.99 3.61
C GLN A 2 -5.80 3.44 2.77
N CYS A 3 -5.42 2.19 3.03
CA CYS A 3 -4.32 1.56 2.31
C CYS A 3 -4.49 0.04 2.29
N CYS A 4 -3.77 -0.63 1.39
CA CYS A 4 -3.87 -2.08 1.30
C CYS A 4 -2.49 -2.74 1.35
N ARG A 5 -1.53 -2.02 1.87
CA ARG A 5 -0.16 -2.53 1.97
C ARG A 5 0.30 -3.13 0.66
N CYS A 6 0.93 -2.31 -0.16
CA CYS A 6 1.45 -2.77 -1.45
C CYS A 6 2.51 -3.85 -1.25
N GLN A 7 2.86 -4.53 -2.33
CA GLN A 7 3.86 -5.58 -2.28
C GLN A 7 5.13 -5.12 -3.00
N SER A 8 5.33 -3.82 -3.02
CA SER A 8 6.48 -3.24 -3.69
C SER A 8 7.09 -2.14 -2.83
N TRP A 9 8.26 -1.62 -3.26
CA TRP A 9 8.99 -0.56 -2.52
C TRP A 9 8.06 0.28 -1.67
N PRO A 10 7.04 0.88 -2.24
CA PRO A 10 6.07 1.68 -1.46
C PRO A 10 5.12 0.77 -0.68
N TYR A 11 5.71 -0.15 0.09
CA TYR A 11 4.92 -1.10 0.87
C TYR A 11 4.62 -0.56 2.26
N MET A 12 4.60 0.76 2.38
CA MET A 12 4.32 1.41 3.65
C MET A 12 2.84 1.76 3.74
N CYS A 13 2.03 0.95 3.09
CA CYS A 13 0.57 1.13 3.05
C CYS A 13 0.21 2.25 2.09
N SER A 14 -0.30 1.84 0.93
CA SER A 14 -0.69 2.81 -0.09
C SER A 14 -2.18 2.71 -0.42
N VAL A 15 -2.81 3.86 -0.61
CA VAL A 15 -4.23 3.92 -0.93
C VAL A 15 -4.49 3.31 -2.30
N PHE A 16 -3.48 3.32 -3.15
CA PHE A 16 -3.61 2.77 -4.49
C PHE A 16 -3.89 1.27 -4.42
N CYS A 17 -3.34 0.64 -3.40
CA CYS A 17 -3.53 -0.80 -3.21
C CYS A 17 -2.99 -1.56 -4.42
N CYS A 18 -1.87 -1.10 -4.95
CA CYS A 18 -1.26 -1.73 -6.11
C CYS A 18 -1.15 -3.24 -5.89
N ILE A 1 -11.35 -1.18 2.73
CA ILE A 1 -10.29 -0.73 3.67
C ILE A 1 -9.65 0.55 3.14
N GLN A 2 -8.92 1.25 3.99
CA GLN A 2 -8.26 2.49 3.60
C GLN A 2 -6.80 2.26 3.24
N CYS A 3 -6.43 1.01 3.08
CA CYS A 3 -5.05 0.67 2.73
C CYS A 3 -4.90 -0.81 2.41
N CYS A 4 -4.18 -1.13 1.35
CA CYS A 4 -3.98 -2.52 0.97
C CYS A 4 -2.56 -2.97 1.24
N ARG A 5 -1.71 -2.02 1.60
CA ARG A 5 -0.32 -2.28 1.87
C ARG A 5 0.33 -2.99 0.69
N CYS A 6 1.00 -2.20 -0.15
CA CYS A 6 1.66 -2.73 -1.34
C CYS A 6 2.89 -3.58 -0.96
N GLN A 7 3.22 -4.53 -1.83
CA GLN A 7 4.37 -5.40 -1.62
C GLN A 7 5.59 -4.86 -2.36
N SER A 8 5.50 -3.61 -2.81
CA SER A 8 6.61 -3.00 -3.55
C SER A 8 7.80 -2.73 -2.63
N TRP A 9 8.92 -2.38 -3.23
CA TRP A 9 10.15 -2.10 -2.49
C TRP A 9 9.91 -1.19 -1.27
N PRO A 10 9.38 0.00 -1.44
CA PRO A 10 9.12 0.90 -0.29
C PRO A 10 8.17 0.23 0.70
N TYR A 11 7.44 -0.78 0.22
CA TYR A 11 6.51 -1.51 1.07
C TYR A 11 5.64 -0.55 1.90
N MET A 12 5.12 0.48 1.26
CA MET A 12 4.30 1.46 1.95
C MET A 12 2.84 1.04 2.00
N CYS A 13 2.09 1.67 2.90
CA CYS A 13 0.66 1.39 3.05
C CYS A 13 -0.17 2.57 2.59
N SER A 14 -1.16 2.32 1.72
CA SER A 14 -1.99 3.41 1.22
C SER A 14 -3.25 2.92 0.51
N VAL A 15 -4.18 3.86 0.33
CA VAL A 15 -5.46 3.61 -0.34
C VAL A 15 -5.27 3.26 -1.81
N PHE A 16 -4.09 3.57 -2.35
CA PHE A 16 -3.82 3.31 -3.76
C PHE A 16 -4.18 1.88 -4.13
N CYS A 17 -3.74 0.94 -3.31
CA CYS A 17 -4.04 -0.46 -3.55
C CYS A 17 -3.39 -0.94 -4.85
N CYS A 18 -2.09 -1.17 -4.79
CA CYS A 18 -1.34 -1.62 -5.96
C CYS A 18 -2.05 -2.80 -6.63
N ILE A 1 -9.22 7.17 3.97
CA ILE A 1 -8.70 6.94 5.35
C ILE A 1 -8.34 5.47 5.55
N GLN A 2 -8.45 4.68 4.49
CA GLN A 2 -8.13 3.26 4.56
C GLN A 2 -7.19 2.87 3.43
N CYS A 3 -6.34 1.88 3.69
CA CYS A 3 -5.39 1.42 2.68
C CYS A 3 -5.02 -0.03 2.90
N CYS A 4 -4.36 -0.62 1.91
CA CYS A 4 -3.94 -2.02 1.99
C CYS A 4 -2.43 -2.11 1.77
N ARG A 5 -1.77 -2.96 2.56
CA ARG A 5 -0.32 -3.11 2.47
C ARG A 5 0.13 -3.49 1.07
N CYS A 6 0.96 -2.63 0.49
CA CYS A 6 1.50 -2.88 -0.85
C CYS A 6 3.02 -2.91 -0.78
N GLN A 7 3.63 -3.76 -1.60
CA GLN A 7 5.07 -3.90 -1.61
C GLN A 7 5.61 -3.57 -2.99
N SER A 8 4.96 -2.62 -3.65
CA SER A 8 5.37 -2.25 -5.00
C SER A 8 6.11 -0.91 -5.07
N TRP A 9 6.27 -0.25 -3.93
CA TRP A 9 6.98 1.03 -3.91
C TRP A 9 7.03 1.63 -2.50
N PRO A 10 5.92 2.01 -1.92
CA PRO A 10 5.93 2.59 -0.56
C PRO A 10 6.30 1.52 0.46
N TYR A 11 6.00 0.28 0.08
CA TYR A 11 6.28 -0.87 0.94
C TYR A 11 5.65 -0.71 2.31
N MET A 12 4.59 0.10 2.40
CA MET A 12 3.90 0.30 3.66
C MET A 12 2.54 0.98 3.48
N CYS A 13 1.52 0.15 3.32
CA CYS A 13 0.14 0.62 3.14
C CYS A 13 -0.01 1.56 1.96
N SER A 14 -0.87 1.18 1.02
CA SER A 14 -1.12 2.00 -0.17
C SER A 14 -2.61 2.13 -0.44
N VAL A 15 -3.07 3.35 -0.67
CA VAL A 15 -4.47 3.61 -0.96
C VAL A 15 -4.89 2.96 -2.28
N PHE A 16 -4.04 3.11 -3.29
CA PHE A 16 -4.32 2.54 -4.60
C PHE A 16 -4.22 1.02 -4.57
N CYS A 17 -3.38 0.50 -3.68
CA CYS A 17 -3.19 -0.94 -3.55
C CYS A 17 -2.44 -1.49 -4.76
N CYS A 18 -1.71 -0.60 -5.44
CA CYS A 18 -0.92 -0.99 -6.60
C CYS A 18 -1.68 -1.95 -7.51
N ILE A 1 -11.14 3.99 5.35
CA ILE A 1 -10.70 2.59 5.15
C ILE A 1 -9.28 2.42 5.69
N GLN A 2 -8.75 1.21 5.59
CA GLN A 2 -7.40 0.93 6.07
C GLN A 2 -6.39 0.91 4.92
N CYS A 3 -6.81 1.43 3.77
CA CYS A 3 -5.95 1.47 2.59
C CYS A 3 -5.42 0.08 2.24
N CYS A 4 -4.71 0.00 1.13
CA CYS A 4 -4.13 -1.25 0.67
C CYS A 4 -2.62 -1.18 0.75
N ARG A 5 -2.02 -2.17 1.39
CA ARG A 5 -0.57 -2.19 1.53
C ARG A 5 0.08 -2.81 0.31
N CYS A 6 0.98 -2.06 -0.32
CA CYS A 6 1.68 -2.54 -1.51
C CYS A 6 2.73 -3.57 -1.12
N GLN A 7 3.03 -4.47 -2.05
CA GLN A 7 4.03 -5.50 -1.80
C GLN A 7 5.42 -5.05 -2.28
N SER A 8 5.52 -3.77 -2.68
CA SER A 8 6.78 -3.22 -3.16
C SER A 8 7.80 -3.10 -2.03
N TRP A 9 9.07 -2.96 -2.40
CA TRP A 9 10.15 -2.85 -1.44
C TRP A 9 9.83 -1.87 -0.30
N PRO A 10 9.56 -0.62 -0.58
CA PRO A 10 9.23 0.36 0.51
C PRO A 10 8.00 -0.09 1.29
N TYR A 11 7.23 -1.01 0.69
CA TYR A 11 6.03 -1.54 1.34
C TYR A 11 5.18 -0.44 1.98
N MET A 12 4.88 0.61 1.22
CA MET A 12 4.05 1.71 1.73
C MET A 12 2.57 1.43 1.51
N CYS A 13 1.74 2.02 2.37
CA CYS A 13 0.28 1.85 2.29
C CYS A 13 -0.33 2.88 1.35
N SER A 14 -1.37 2.47 0.63
CA SER A 14 -2.04 3.37 -0.30
C SER A 14 -3.44 2.85 -0.64
N VAL A 15 -4.38 3.79 -0.76
CA VAL A 15 -5.76 3.44 -1.08
C VAL A 15 -5.85 2.80 -2.47
N PHE A 16 -5.07 3.32 -3.40
CA PHE A 16 -5.07 2.80 -4.77
C PHE A 16 -4.66 1.34 -4.81
N CYS A 17 -3.87 0.91 -3.83
CA CYS A 17 -3.41 -0.48 -3.78
C CYS A 17 -2.45 -0.78 -4.92
N CYS A 18 -1.30 -0.11 -4.90
CA CYS A 18 -0.30 -0.30 -5.93
C CYS A 18 0.39 -1.65 -5.79
N ILE A 1 -3.28 1.61 8.83
CA ILE A 1 -4.24 0.48 8.75
C ILE A 1 -5.42 0.83 7.83
N GLN A 2 -5.34 1.98 7.19
CA GLN A 2 -6.39 2.42 6.29
C GLN A 2 -6.01 2.16 4.82
N CYS A 3 -4.96 1.38 4.63
CA CYS A 3 -4.50 1.08 3.27
C CYS A 3 -4.44 -0.44 3.07
N CYS A 4 -4.08 -0.87 1.87
CA CYS A 4 -3.99 -2.29 1.57
C CYS A 4 -2.56 -2.79 1.68
N ARG A 5 -1.64 -1.86 1.84
CA ARG A 5 -0.22 -2.20 1.97
C ARG A 5 0.33 -2.76 0.67
N CYS A 6 0.97 -1.87 -0.11
CA CYS A 6 1.56 -2.26 -1.38
C CYS A 6 2.64 -3.32 -1.16
N GLN A 7 2.84 -4.19 -2.14
CA GLN A 7 3.86 -5.22 -2.05
C GLN A 7 5.19 -4.74 -2.62
N SER A 8 5.26 -3.44 -2.87
CA SER A 8 6.45 -2.85 -3.45
C SER A 8 7.58 -2.77 -2.42
N TRP A 9 8.78 -2.52 -2.89
CA TRP A 9 9.95 -2.44 -2.02
C TRP A 9 9.69 -1.59 -0.77
N PRO A 10 9.33 -0.34 -0.88
CA PRO A 10 9.05 0.50 0.31
C PRO A 10 7.91 -0.08 1.13
N TYR A 11 7.13 -0.96 0.50
CA TYR A 11 6.00 -1.60 1.19
C TYR A 11 5.16 -0.58 1.94
N MET A 12 5.13 0.65 1.46
CA MET A 12 4.36 1.70 2.11
C MET A 12 2.87 1.50 1.88
N CYS A 13 2.06 1.90 2.86
CA CYS A 13 0.62 1.76 2.75
C CYS A 13 0.10 2.59 1.59
N SER A 14 -0.87 2.04 0.84
CA SER A 14 -1.41 2.78 -0.29
C SER A 14 -2.91 2.54 -0.45
N VAL A 15 -3.67 3.63 -0.50
CA VAL A 15 -5.11 3.55 -0.67
C VAL A 15 -5.45 2.98 -2.04
N PHE A 16 -4.72 3.44 -3.05
CA PHE A 16 -4.94 2.99 -4.42
C PHE A 16 -4.73 1.48 -4.53
N CYS A 17 -3.64 1.01 -3.93
CA CYS A 17 -3.28 -0.41 -3.94
C CYS A 17 -2.66 -0.81 -5.28
N CYS A 18 -1.33 -0.80 -5.32
CA CYS A 18 -0.59 -1.15 -6.52
C CYS A 18 -1.14 -2.43 -7.14
N ILE A 1 -8.68 4.58 9.62
CA ILE A 1 -8.83 4.59 8.14
C ILE A 1 -8.41 3.22 7.59
N GLN A 2 -8.70 2.99 6.32
CA GLN A 2 -8.34 1.72 5.68
C GLN A 2 -7.55 1.97 4.41
N CYS A 3 -6.60 1.09 4.12
CA CYS A 3 -5.78 1.22 2.93
C CYS A 3 -5.22 -0.15 2.52
N CYS A 4 -4.59 -0.19 1.36
CA CYS A 4 -4.01 -1.43 0.86
C CYS A 4 -2.52 -1.47 1.13
N ARG A 5 -2.06 -2.56 1.72
CA ARG A 5 -0.65 -2.71 2.03
C ARG A 5 0.12 -3.19 0.81
N CYS A 6 1.14 -2.43 0.44
CA CYS A 6 1.96 -2.79 -0.72
C CYS A 6 3.11 -3.70 -0.30
N GLN A 7 3.43 -4.66 -1.15
CA GLN A 7 4.52 -5.60 -0.87
C GLN A 7 5.70 -5.37 -1.80
N SER A 8 5.74 -4.22 -2.47
CA SER A 8 6.82 -3.92 -3.40
C SER A 8 7.91 -3.10 -2.72
N TRP A 9 8.80 -2.53 -3.53
CA TRP A 9 9.91 -1.74 -2.99
C TRP A 9 9.45 -0.75 -1.91
N PRO A 10 8.56 0.17 -2.21
CA PRO A 10 8.06 1.13 -1.18
C PRO A 10 7.28 0.41 -0.09
N TYR A 11 6.90 -0.86 -0.37
CA TYR A 11 6.13 -1.72 0.55
C TYR A 11 5.50 -0.93 1.70
N MET A 12 4.54 -0.06 1.36
CA MET A 12 3.88 0.74 2.38
C MET A 12 2.38 0.85 2.11
N CYS A 13 1.63 1.17 3.16
CA CYS A 13 0.17 1.29 3.06
C CYS A 13 -0.21 2.42 2.10
N SER A 14 -1.18 2.16 1.23
CA SER A 14 -1.65 3.16 0.28
C SER A 14 -3.05 2.85 -0.21
N VAL A 15 -3.80 3.89 -0.55
CA VAL A 15 -5.16 3.74 -1.06
C VAL A 15 -5.16 3.09 -2.44
N PHE A 16 -4.20 3.49 -3.27
CA PHE A 16 -4.11 2.97 -4.63
C PHE A 16 -3.80 1.47 -4.64
N CYS A 17 -3.16 0.98 -3.59
CA CYS A 17 -2.80 -0.44 -3.50
C CYS A 17 -1.76 -0.79 -4.55
N CYS A 18 -0.90 0.18 -4.87
CA CYS A 18 0.16 -0.02 -5.85
C CYS A 18 -0.36 -0.74 -7.09
N ILE A 1 -7.89 -1.02 8.62
CA ILE A 1 -6.91 -0.32 7.74
C ILE A 1 -7.63 0.40 6.62
N GLN A 2 -7.23 1.64 6.37
CA GLN A 2 -7.85 2.44 5.31
C GLN A 2 -7.04 2.38 4.02
N CYS A 3 -6.09 1.47 3.96
CA CYS A 3 -5.24 1.32 2.77
C CYS A 3 -4.76 -0.12 2.64
N CYS A 4 -4.24 -0.45 1.46
CA CYS A 4 -3.73 -1.80 1.22
C CYS A 4 -2.21 -1.78 1.22
N ARG A 5 -1.60 -2.87 1.65
CA ARG A 5 -0.14 -2.91 1.68
C ARG A 5 0.41 -3.62 0.45
N CYS A 6 1.22 -2.91 -0.32
CA CYS A 6 1.82 -3.46 -1.53
C CYS A 6 3.12 -4.18 -1.21
N GLN A 7 3.61 -4.94 -2.19
CA GLN A 7 4.85 -5.68 -2.01
C GLN A 7 6.06 -4.87 -2.50
N SER A 8 5.82 -3.58 -2.75
CA SER A 8 6.88 -2.69 -3.22
C SER A 8 8.00 -2.57 -2.19
N TRP A 9 9.18 -2.20 -2.65
CA TRP A 9 10.35 -2.06 -1.77
C TRP A 9 10.02 -1.31 -0.49
N PRO A 10 9.59 -0.07 -0.54
CA PRO A 10 9.23 0.68 0.69
C PRO A 10 8.08 -0.01 1.43
N TYR A 11 7.39 -0.89 0.71
CA TYR A 11 6.27 -1.63 1.29
C TYR A 11 5.27 -0.70 1.95
N MET A 12 5.19 0.54 1.47
CA MET A 12 4.26 1.51 2.03
C MET A 12 2.85 1.20 1.56
N CYS A 13 1.87 1.36 2.45
CA CYS A 13 0.49 1.07 2.08
C CYS A 13 -0.07 2.22 1.25
N SER A 14 -1.14 1.95 0.52
CA SER A 14 -1.75 2.97 -0.32
C SER A 14 -3.26 2.75 -0.47
N VAL A 15 -4.00 3.86 -0.51
CA VAL A 15 -5.45 3.80 -0.66
C VAL A 15 -5.83 3.15 -1.99
N PHE A 16 -5.11 3.52 -3.04
CA PHE A 16 -5.37 2.97 -4.37
C PHE A 16 -5.11 1.47 -4.38
N CYS A 17 -4.29 1.00 -3.45
CA CYS A 17 -3.96 -0.40 -3.35
C CYS A 17 -3.25 -0.89 -4.61
N CYS A 18 -2.27 -0.12 -5.06
CA CYS A 18 -1.51 -0.49 -6.25
C CYS A 18 -2.45 -0.86 -7.39
N ILE A 1 -7.62 0.09 9.12
CA ILE A 1 -9.04 0.39 8.78
C ILE A 1 -9.12 1.24 7.52
N GLN A 2 -7.98 1.48 6.88
CA GLN A 2 -7.93 2.28 5.67
C GLN A 2 -6.77 1.84 4.79
N CYS A 3 -6.84 2.19 3.51
CA CYS A 3 -5.79 1.84 2.56
C CYS A 3 -5.56 0.33 2.54
N CYS A 4 -4.72 -0.11 1.60
CA CYS A 4 -4.38 -1.52 1.49
C CYS A 4 -2.86 -1.65 1.43
N ARG A 5 -2.35 -2.75 1.95
CA ARG A 5 -0.91 -2.94 1.97
C ARG A 5 -0.36 -3.19 0.57
N CYS A 6 0.71 -2.49 0.24
CA CYS A 6 1.34 -2.62 -1.07
C CYS A 6 2.65 -3.40 -0.97
N GLN A 7 2.83 -4.36 -1.86
CA GLN A 7 4.05 -5.16 -1.88
C GLN A 7 5.13 -4.50 -2.74
N SER A 8 4.99 -3.20 -2.96
CA SER A 8 5.94 -2.46 -3.77
C SER A 8 7.22 -2.16 -3.00
N TRP A 9 8.19 -1.57 -3.70
CA TRP A 9 9.48 -1.23 -3.11
C TRP A 9 9.34 -0.56 -1.73
N PRO A 10 8.64 0.54 -1.61
CA PRO A 10 8.49 1.21 -0.28
C PRO A 10 7.83 0.28 0.72
N TYR A 11 7.16 -0.76 0.21
CA TYR A 11 6.50 -1.74 1.06
C TYR A 11 5.73 -1.07 2.20
N MET A 12 4.83 -0.16 1.85
CA MET A 12 4.05 0.55 2.86
C MET A 12 2.58 0.64 2.48
N CYS A 13 1.73 0.89 3.47
CA CYS A 13 0.29 1.00 3.24
C CYS A 13 -0.02 2.08 2.21
N SER A 14 -0.94 1.76 1.31
CA SER A 14 -1.33 2.71 0.27
C SER A 14 -2.71 2.37 -0.27
N VAL A 15 -3.53 3.40 -0.49
CA VAL A 15 -4.88 3.20 -1.02
C VAL A 15 -4.82 2.61 -2.43
N PHE A 16 -3.93 3.15 -3.25
CA PHE A 16 -3.78 2.69 -4.63
C PHE A 16 -3.15 1.31 -4.67
N CYS A 17 -2.33 1.00 -3.67
CA CYS A 17 -1.66 -0.29 -3.61
C CYS A 17 -0.70 -0.46 -4.78
N CYS A 18 -0.20 0.67 -5.28
CA CYS A 18 0.74 0.66 -6.39
C CYS A 18 0.25 -0.26 -7.51
N ILE A 1 -6.50 -3.52 10.68
CA ILE A 1 -5.64 -3.04 9.56
C ILE A 1 -6.40 -1.97 8.78
N GLN A 2 -5.67 -1.19 8.00
CA GLN A 2 -6.28 -0.13 7.20
C GLN A 2 -5.48 0.12 5.94
N CYS A 3 -6.13 0.73 4.94
CA CYS A 3 -5.46 1.02 3.68
C CYS A 3 -4.91 -0.25 3.04
N CYS A 4 -4.44 -0.13 1.80
CA CYS A 4 -3.87 -1.25 1.10
C CYS A 4 -2.36 -1.18 1.14
N ARG A 5 -1.73 -2.30 1.44
CA ARG A 5 -0.28 -2.34 1.55
C ARG A 5 0.36 -2.69 0.22
N CYS A 6 1.39 -1.94 -0.16
CA CYS A 6 2.09 -2.21 -1.41
C CYS A 6 2.72 -3.59 -1.38
N GLN A 7 3.07 -4.10 -2.56
CA GLN A 7 3.70 -5.42 -2.67
C GLN A 7 5.15 -5.27 -3.07
N SER A 8 5.66 -4.04 -2.97
CA SER A 8 7.03 -3.75 -3.33
C SER A 8 7.89 -3.57 -2.09
N TRP A 9 9.21 -3.50 -2.29
CA TRP A 9 10.14 -3.35 -1.15
C TRP A 9 9.70 -2.22 -0.22
N PRO A 10 9.43 -1.04 -0.73
CA PRO A 10 9.00 0.10 0.11
C PRO A 10 7.81 -0.30 0.98
N TYR A 11 7.03 -1.26 0.46
CA TYR A 11 5.85 -1.74 1.17
C TYR A 11 5.04 -0.58 1.77
N MET A 12 4.88 0.47 0.99
CA MET A 12 4.15 1.66 1.44
C MET A 12 2.65 1.38 1.52
N CYS A 13 1.99 2.02 2.47
CA CYS A 13 0.56 1.87 2.66
C CYS A 13 -0.20 3.00 1.97
N SER A 14 -1.30 2.66 1.31
CA SER A 14 -2.11 3.66 0.61
C SER A 14 -3.41 3.05 0.13
N VAL A 15 -4.41 3.89 -0.14
CA VAL A 15 -5.68 3.37 -0.62
C VAL A 15 -5.48 2.64 -1.95
N PHE A 16 -4.78 3.29 -2.87
CA PHE A 16 -4.49 2.69 -4.17
C PHE A 16 -3.41 1.63 -4.04
N CYS A 17 -2.43 1.91 -3.19
CA CYS A 17 -1.31 1.01 -2.94
C CYS A 17 -0.79 0.41 -4.24
N CYS A 18 0.00 -0.66 -4.11
CA CYS A 18 0.58 -1.29 -5.27
C CYS A 18 1.05 -2.70 -4.93
N ILE A 1 -10.27 -1.72 3.50
CA ILE A 1 -10.46 -0.72 4.59
C ILE A 1 -9.10 -0.30 5.14
N GLN A 2 -9.02 0.93 5.63
CA GLN A 2 -7.78 1.45 6.19
C GLN A 2 -6.63 1.25 5.22
N CYS A 3 -6.88 1.53 3.94
CA CYS A 3 -5.85 1.38 2.91
C CYS A 3 -5.36 -0.07 2.85
N CYS A 4 -4.58 -0.35 1.82
CA CYS A 4 -4.02 -1.68 1.64
C CYS A 4 -2.51 -1.54 1.55
N ARG A 5 -1.78 -2.57 1.98
CA ARG A 5 -0.33 -2.48 1.97
C ARG A 5 0.23 -2.96 0.64
N CYS A 6 0.92 -2.05 -0.04
CA CYS A 6 1.51 -2.36 -1.33
C CYS A 6 2.62 -3.40 -1.14
N GLN A 7 2.69 -4.37 -2.05
CA GLN A 7 3.69 -5.42 -1.96
C GLN A 7 5.00 -4.96 -2.61
N SER A 8 5.05 -3.69 -3.01
CA SER A 8 6.23 -3.13 -3.65
C SER A 8 7.35 -2.92 -2.64
N TRP A 9 8.55 -2.71 -3.15
CA TRP A 9 9.74 -2.52 -2.32
C TRP A 9 9.49 -1.58 -1.13
N PRO A 10 9.07 -0.35 -1.34
CA PRO A 10 8.81 0.59 -0.21
C PRO A 10 7.77 0.02 0.74
N TYR A 11 6.97 -0.91 0.23
CA TYR A 11 5.93 -1.55 1.05
C TYR A 11 5.14 -0.52 1.88
N MET A 12 4.75 0.58 1.25
CA MET A 12 3.99 1.63 1.95
C MET A 12 2.48 1.44 1.80
N CYS A 13 1.73 1.74 2.85
CA CYS A 13 0.28 1.61 2.83
C CYS A 13 -0.35 2.69 1.95
N SER A 14 -1.29 2.29 1.12
CA SER A 14 -1.97 3.23 0.23
C SER A 14 -3.25 2.64 -0.33
N VAL A 15 -4.28 3.47 -0.47
CA VAL A 15 -5.55 3.02 -1.02
C VAL A 15 -5.37 2.53 -2.45
N PHE A 16 -4.59 3.29 -3.22
CA PHE A 16 -4.32 2.94 -4.61
C PHE A 16 -3.68 1.56 -4.71
N CYS A 17 -2.67 1.33 -3.87
CA CYS A 17 -1.97 0.04 -3.86
C CYS A 17 -1.20 -0.17 -5.15
N CYS A 18 -0.09 -0.89 -5.06
CA CYS A 18 0.73 -1.15 -6.24
C CYS A 18 1.30 -2.57 -6.20
N ILE A 1 -9.29 -2.34 7.90
CA ILE A 1 -7.94 -2.51 7.31
C ILE A 1 -7.42 -1.15 6.83
N GLN A 2 -6.10 -1.01 6.82
CA GLN A 2 -5.48 0.24 6.39
C GLN A 2 -4.85 0.07 5.01
N CYS A 3 -5.33 0.86 4.03
CA CYS A 3 -4.80 0.79 2.68
C CYS A 3 -4.65 -0.65 2.22
N CYS A 4 -3.86 -0.87 1.17
CA CYS A 4 -3.64 -2.22 0.66
C CYS A 4 -2.31 -2.79 1.14
N ARG A 5 -1.58 -2.00 1.94
CA ARG A 5 -0.29 -2.44 2.46
C ARG A 5 0.55 -3.10 1.38
N CYS A 6 1.30 -2.29 0.64
CA CYS A 6 2.13 -2.80 -0.43
C CYS A 6 3.56 -3.03 0.05
N GLN A 7 4.16 -4.13 -0.41
CA GLN A 7 5.52 -4.47 -0.01
C GLN A 7 6.39 -4.77 -1.21
N SER A 8 6.03 -4.19 -2.37
CA SER A 8 6.79 -4.43 -3.58
C SER A 8 7.64 -3.22 -3.98
N TRP A 9 7.60 -2.17 -3.18
CA TRP A 9 8.38 -0.97 -3.47
C TRP A 9 8.13 0.14 -2.43
N PRO A 10 6.93 0.64 -2.32
CA PRO A 10 6.62 1.70 -1.33
C PRO A 10 6.74 1.15 0.09
N TYR A 11 6.63 -0.17 0.20
CA TYR A 11 6.73 -0.84 1.49
C TYR A 11 5.91 -0.13 2.55
N MET A 12 4.76 0.42 2.16
CA MET A 12 3.90 1.11 3.10
C MET A 12 2.47 1.13 2.58
N CYS A 13 1.52 1.42 3.47
CA CYS A 13 0.11 1.46 3.09
C CYS A 13 -0.08 2.35 1.87
N SER A 14 -0.89 1.89 0.92
CA SER A 14 -1.15 2.66 -0.29
C SER A 14 -2.64 2.74 -0.61
N VAL A 15 -3.17 3.95 -0.60
CA VAL A 15 -4.59 4.17 -0.91
C VAL A 15 -4.91 3.74 -2.34
N PHE A 16 -4.00 4.05 -3.25
CA PHE A 16 -4.19 3.71 -4.66
C PHE A 16 -4.26 2.19 -4.84
N CYS A 17 -3.67 1.46 -3.89
CA CYS A 17 -3.67 0.00 -3.95
C CYS A 17 -2.73 -0.50 -5.06
N CYS A 18 -1.71 -1.25 -4.66
CA CYS A 18 -0.75 -1.78 -5.61
C CYS A 18 -0.75 -3.31 -5.58
N ILE A 1 -7.30 5.20 8.63
CA ILE A 1 -7.57 5.25 7.17
C ILE A 1 -7.46 3.84 6.59
N GLN A 2 -8.30 3.55 5.61
CA GLN A 2 -8.30 2.24 4.97
C GLN A 2 -7.39 2.24 3.75
N CYS A 3 -6.45 1.30 3.72
CA CYS A 3 -5.53 1.19 2.59
C CYS A 3 -5.03 -0.24 2.45
N CYS A 4 -4.38 -0.54 1.32
CA CYS A 4 -3.84 -1.87 1.10
C CYS A 4 -2.33 -1.82 1.16
N ARG A 5 -1.70 -2.94 1.50
CA ARG A 5 -0.25 -2.96 1.60
C ARG A 5 0.35 -3.63 0.37
N CYS A 6 1.19 -2.89 -0.34
CA CYS A 6 1.83 -3.40 -1.54
C CYS A 6 3.14 -4.10 -1.17
N GLN A 7 3.64 -4.93 -2.08
CA GLN A 7 4.89 -5.65 -1.84
C GLN A 7 6.08 -4.89 -2.43
N SER A 8 5.85 -3.66 -2.85
CA SER A 8 6.89 -2.83 -3.45
C SER A 8 8.01 -2.54 -2.44
N TRP A 9 9.18 -2.16 -2.97
CA TRP A 9 10.34 -1.88 -2.13
C TRP A 9 10.01 -0.97 -0.95
N PRO A 10 9.48 0.22 -1.16
CA PRO A 10 9.09 1.10 -0.03
C PRO A 10 8.26 0.33 0.99
N TYR A 11 7.57 -0.70 0.50
CA TYR A 11 6.73 -1.54 1.35
C TYR A 11 5.82 -0.70 2.26
N MET A 12 5.13 0.28 1.67
CA MET A 12 4.22 1.13 2.44
C MET A 12 2.79 0.97 1.90
N CYS A 13 1.81 1.07 2.79
CA CYS A 13 0.42 0.93 2.36
C CYS A 13 0.00 2.14 1.54
N SER A 14 -1.03 1.95 0.73
CA SER A 14 -1.50 3.05 -0.12
C SER A 14 -3.01 2.96 -0.36
N VAL A 15 -3.65 4.13 -0.43
CA VAL A 15 -5.09 4.20 -0.67
C VAL A 15 -5.43 3.63 -2.05
N PHE A 16 -4.57 3.93 -3.02
CA PHE A 16 -4.79 3.45 -4.39
C PHE A 16 -5.02 1.94 -4.39
N CYS A 17 -4.37 1.25 -3.45
CA CYS A 17 -4.50 -0.20 -3.31
C CYS A 17 -3.71 -0.94 -4.37
N CYS A 18 -2.40 -0.70 -4.40
CA CYS A 18 -1.51 -1.35 -5.35
C CYS A 18 -2.10 -1.32 -6.76
N ILE A 1 -9.66 6.88 3.71
CA ILE A 1 -8.29 6.94 4.28
C ILE A 1 -7.75 5.56 4.53
N GLN A 2 -8.52 4.54 4.12
CA GLN A 2 -8.09 3.17 4.29
C GLN A 2 -7.04 2.87 3.27
N CYS A 3 -6.17 1.89 3.58
CA CYS A 3 -5.12 1.54 2.67
C CYS A 3 -4.74 0.12 2.95
N CYS A 4 -3.96 -0.50 2.04
CA CYS A 4 -3.53 -1.86 2.22
C CYS A 4 -2.11 -1.92 1.78
N ARG A 5 -1.38 -2.98 2.20
CA ARG A 5 0.02 -3.07 1.83
C ARG A 5 0.15 -3.53 0.42
N CYS A 6 1.11 -2.91 -0.30
CA CYS A 6 1.37 -3.24 -1.68
C CYS A 6 2.69 -3.98 -1.71
N GLN A 7 3.27 -4.13 -2.91
CA GLN A 7 4.53 -4.84 -3.05
C GLN A 7 5.53 -3.83 -3.53
N SER A 8 5.58 -2.67 -2.86
CA SER A 8 6.50 -1.63 -3.26
C SER A 8 7.78 -1.83 -2.49
N TRP A 9 8.81 -1.03 -2.82
CA TRP A 9 10.09 -1.14 -2.15
C TRP A 9 9.95 -0.90 -0.67
N PRO A 10 9.48 0.27 -0.26
CA PRO A 10 9.28 0.56 1.15
C PRO A 10 8.23 -0.33 1.73
N TYR A 11 7.41 -0.92 0.83
CA TYR A 11 6.35 -1.82 1.22
C TYR A 11 5.42 -1.13 2.17
N MET A 12 5.13 0.16 1.92
CA MET A 12 4.21 0.88 2.78
C MET A 12 2.84 0.62 2.24
N CYS A 13 1.80 1.04 2.98
CA CYS A 13 0.45 0.79 2.51
C CYS A 13 0.12 1.79 1.45
N SER A 14 -0.77 1.40 0.54
CA SER A 14 -1.17 2.28 -0.53
C SER A 14 -2.67 2.39 -0.51
N VAL A 15 -3.17 3.62 -0.73
CA VAL A 15 -4.60 3.87 -0.75
C VAL A 15 -5.19 3.21 -1.96
N PHE A 16 -4.47 3.31 -3.11
CA PHE A 16 -4.96 2.74 -4.35
C PHE A 16 -5.04 1.24 -4.23
N CYS A 17 -4.17 0.65 -3.38
CA CYS A 17 -4.17 -0.79 -3.19
C CYS A 17 -3.78 -1.44 -4.49
N CYS A 18 -2.51 -1.25 -4.89
CA CYS A 18 -2.03 -1.83 -6.14
C CYS A 18 -1.93 -3.35 -5.95
#